data_7OAH
#
_entry.id   7OAH
#
_cell.length_a   26.126
_cell.length_b   38.769
_cell.length_c   132.277
_cell.angle_alpha   90.000
_cell.angle_beta   94.846
_cell.angle_gamma   90.000
#
_symmetry.space_group_name_H-M   'P 1 21 1'
#
loop_
_entity.id
_entity.type
_entity.pdbx_description
1 polymer 'General control transcription factor GCN4,conserved hypothetical protein residues 311-335 from Candidatus Magnetomorum sp. HK-1 fused to GCN4 adaptors, mutant beta2/A,General control transcription factor GCN4'
2 non-polymer 'TETRAETHYLENE GLYCOL'
3 water water
#
_entity_poly.entity_id   1
_entity_poly.type   'polypeptide(L)'
_entity_poly.pdbx_seq_one_letter_code
;GGGSGMKQIEMKIEEILSKIYHIENEIARIKKLINLKANKADVATKDQLATKTEINSQMKQIEWKIEEILSKIYHIENEI
ARIKKL
;
_entity_poly.pdbx_strand_id   A,B,C
#
# COMPACT_ATOMS: atom_id res chain seq x y z
N SER A 4 -43.51 -16.87 41.57
CA SER A 4 -43.45 -16.09 40.30
C SER A 4 -42.23 -15.16 40.23
N GLY A 5 -41.71 -14.74 41.38
CA GLY A 5 -40.49 -13.95 41.45
C GLY A 5 -39.30 -14.70 40.88
N MET A 6 -39.16 -15.95 41.30
CA MET A 6 -38.09 -16.82 40.81
C MET A 6 -38.23 -17.09 39.31
N LYS A 7 -39.45 -17.38 38.85
CA LYS A 7 -39.71 -17.59 37.43
C LYS A 7 -39.30 -16.39 36.59
N GLN A 8 -39.64 -15.19 37.04
CA GLN A 8 -39.25 -13.97 36.33
C GLN A 8 -37.73 -13.80 36.23
N ILE A 9 -37.02 -14.07 37.32
CA ILE A 9 -35.56 -13.98 37.34
C ILE A 9 -34.98 -15.01 36.35
N GLU A 10 -35.51 -16.24 36.38
CA GLU A 10 -35.05 -17.29 35.46
C GLU A 10 -35.19 -16.88 34.00
N MET A 11 -36.32 -16.27 33.66
CA MET A 11 -36.56 -15.80 32.29
C MET A 11 -35.58 -14.72 31.88
N LYS A 12 -35.28 -13.82 32.81
CA LYS A 12 -34.27 -12.80 32.53
C LYS A 12 -32.89 -13.43 32.33
N ILE A 13 -32.55 -14.42 33.15
CA ILE A 13 -31.28 -15.13 33.01
C ILE A 13 -31.19 -15.84 31.65
N GLU A 14 -32.30 -16.46 31.23
CA GLU A 14 -32.35 -17.12 29.90
C GLU A 14 -32.01 -16.13 28.78
N GLU A 15 -32.65 -14.96 28.81
CA GLU A 15 -32.39 -13.94 27.81
CA GLU A 15 -32.40 -13.95 27.80
C GLU A 15 -30.96 -13.41 27.88
N ILE A 16 -30.45 -13.22 29.09
CA ILE A 16 -29.06 -12.74 29.27
C ILE A 16 -28.07 -13.75 28.67
N LEU A 17 -28.28 -15.03 28.94
CA LEU A 17 -27.36 -16.06 28.43
C LEU A 17 -27.38 -16.10 26.91
N SER A 18 -28.55 -15.89 26.32
N SER A 18 -28.55 -15.89 26.31
CA SER A 18 -28.69 -15.86 24.86
CA SER A 18 -28.69 -15.86 24.86
C SER A 18 -27.92 -14.68 24.28
C SER A 18 -27.92 -14.68 24.28
N LYS A 19 -28.08 -13.51 24.92
CA LYS A 19 -27.33 -12.32 24.51
C LYS A 19 -25.82 -12.53 24.60
N ILE A 20 -25.36 -13.14 25.69
CA ILE A 20 -23.92 -13.40 25.87
C ILE A 20 -23.39 -14.36 24.80
N TYR A 21 -24.13 -15.42 24.52
CA TYR A 21 -23.72 -16.36 23.49
C TYR A 21 -23.60 -15.67 22.13
N HIS A 22 -24.56 -14.82 21.81
CA HIS A 22 -24.52 -14.07 20.57
C HIS A 22 -23.29 -13.16 20.50
N ILE A 23 -23.01 -12.45 21.61
CA ILE A 23 -21.81 -11.58 21.70
C ILE A 23 -20.52 -12.39 21.50
N GLU A 24 -20.45 -13.55 22.10
CA GLU A 24 -19.26 -14.41 21.94
C GLU A 24 -19.07 -14.82 20.48
N ASN A 25 -20.15 -15.16 19.80
CA ASN A 25 -20.08 -15.49 18.36
C ASN A 25 -19.68 -14.26 17.51
N GLU A 26 -20.19 -13.09 17.85
CA GLU A 26 -19.79 -11.84 17.20
C GLU A 26 -18.30 -11.58 17.37
N ILE A 27 -17.80 -11.80 18.58
CA ILE A 27 -16.38 -11.60 18.87
C ILE A 27 -15.52 -12.59 18.05
N ALA A 28 -15.93 -13.84 18.01
CA ALA A 28 -15.23 -14.83 17.19
C ALA A 28 -15.15 -14.38 15.73
N ARG A 29 -16.26 -13.87 15.20
CA ARG A 29 -16.31 -13.36 13.82
C ARG A 29 -15.41 -12.13 13.61
N ILE A 30 -15.43 -11.22 14.58
CA ILE A 30 -14.59 -10.02 14.54
C ILE A 30 -13.10 -10.39 14.48
N LYS A 31 -12.69 -11.36 15.31
CA LYS A 31 -11.29 -11.77 15.33
C LYS A 31 -10.84 -12.29 13.96
N LYS A 32 -11.71 -13.04 13.29
CA LYS A 32 -11.42 -13.51 11.93
C LYS A 32 -11.31 -12.36 10.94
N LEU A 33 -12.22 -11.40 11.03
CA LEU A 33 -12.19 -10.22 10.17
C LEU A 33 -10.93 -9.39 10.36
N ILE A 34 -10.53 -9.19 11.61
CA ILE A 34 -9.30 -8.45 11.91
C ILE A 34 -8.09 -9.12 11.27
N ASN A 35 -8.03 -10.44 11.33
CA ASN A 35 -6.91 -11.19 10.73
C ASN A 35 -6.79 -11.01 9.21
N LEU A 36 -7.87 -10.57 8.56
CA LEU A 36 -7.84 -10.27 7.12
C LEU A 36 -7.39 -8.84 6.80
N LYS A 37 -7.17 -8.01 7.82
CA LYS A 37 -6.78 -6.60 7.63
C LYS A 37 -5.27 -6.41 7.68
N ALA A 38 -4.79 -5.44 6.89
CA ALA A 38 -3.35 -5.16 6.81
C ALA A 38 -2.88 -4.36 8.01
N ASN A 39 -1.70 -4.71 8.52
CA ASN A 39 -1.08 -3.97 9.63
C ASN A 39 -0.40 -2.71 9.12
N LYS A 40 -0.49 -1.64 9.89
CA LYS A 40 0.22 -0.40 9.60
C LYS A 40 1.72 -0.65 9.42
N ALA A 41 2.28 -1.51 10.27
CA ALA A 41 3.71 -1.80 10.24
C ALA A 41 4.16 -2.56 8.98
N ASP A 42 3.24 -3.26 8.33
CA ASP A 42 3.57 -4.08 7.16
C ASP A 42 3.34 -3.38 5.82
N VAL A 43 2.80 -2.16 5.85
CA VAL A 43 2.62 -1.39 4.61
C VAL A 43 3.64 -0.27 4.51
N ALA A 44 3.78 0.22 3.30
CA ALA A 44 4.65 1.35 2.99
C ALA A 44 4.17 2.64 3.67
N THR A 45 5.11 3.45 4.13
CA THR A 45 4.78 4.72 4.79
C THR A 45 4.44 5.78 3.76
N LYS A 46 3.58 6.72 4.13
CA LYS A 46 2.99 7.67 3.17
C LYS A 46 4.01 8.41 2.28
N ASP A 47 3.88 8.16 0.97
CA ASP A 47 4.76 8.71 -0.09
C ASP A 47 6.08 7.98 -0.30
N GLN A 48 6.26 6.79 0.29
CA GLN A 48 7.43 5.94 0.01
C GLN A 48 7.39 5.28 -1.37
N LEU A 49 6.19 4.93 -1.82
CA LEU A 49 6.01 4.16 -3.06
C LEU A 49 5.80 5.06 -4.28
N ALA A 50 6.28 4.59 -5.42
CA ALA A 50 6.15 5.35 -6.65
C ALA A 50 4.76 5.15 -7.28
N THR A 51 4.11 6.26 -7.65
CA THR A 51 2.79 6.22 -8.30
C THR A 51 2.92 6.13 -9.82
N LYS A 52 1.89 5.64 -10.48
CA LYS A 52 1.86 5.58 -11.95
C LYS A 52 2.01 6.98 -12.57
N THR A 53 1.33 7.97 -11.99
CA THR A 53 1.39 9.34 -12.49
C THR A 53 2.82 9.90 -12.48
N GLU A 54 3.48 9.73 -11.34
CA GLU A 54 4.87 10.17 -11.18
C GLU A 54 5.80 9.50 -12.17
N ILE A 55 5.63 8.18 -12.32
CA ILE A 55 6.49 7.40 -13.22
C ILE A 55 6.27 7.84 -14.65
N ASN A 56 5.02 7.98 -15.05
CA ASN A 56 4.69 8.44 -16.40
C ASN A 56 5.38 9.77 -16.74
N SER A 57 5.28 10.72 -15.80
CA SER A 57 5.90 12.05 -15.97
C SER A 57 7.42 11.95 -16.11
N GLN A 58 8.05 11.19 -15.23
CA GLN A 58 9.51 10.99 -15.27
C GLN A 58 9.98 10.29 -16.53
N MET A 59 9.27 9.23 -16.92
CA MET A 59 9.62 8.49 -18.13
C MET A 59 9.48 9.39 -19.34
N LYS A 60 8.44 10.21 -19.37
CA LYS A 60 8.17 11.08 -20.50
C LYS A 60 9.32 12.06 -20.73
N GLN A 61 9.83 12.65 -19.64
CA GLN A 61 10.95 13.58 -19.75
C GLN A 61 12.18 12.92 -20.38
N ILE A 62 12.47 11.71 -19.92
CA ILE A 62 13.58 10.94 -20.48
CA ILE A 62 13.58 10.94 -20.48
C ILE A 62 13.32 10.60 -21.95
N GLU A 63 12.11 10.15 -22.25
CA GLU A 63 11.73 9.80 -23.63
C GLU A 63 11.90 10.96 -24.58
N TRP A 64 11.50 12.17 -24.15
CA TRP A 64 11.62 13.34 -25.01
C TRP A 64 13.10 13.60 -25.33
N LYS A 65 13.95 13.48 -24.31
CA LYS A 65 15.39 13.70 -24.52
C LYS A 65 15.96 12.68 -25.48
N ILE A 66 15.54 11.42 -25.34
CA ILE A 66 16.01 10.35 -26.24
C ILE A 66 15.56 10.66 -27.68
N GLU A 67 14.31 11.08 -27.84
CA GLU A 67 13.81 11.39 -29.17
C GLU A 67 14.58 12.53 -29.81
N GLU A 68 14.88 13.55 -29.02
CA GLU A 68 15.71 14.67 -29.46
CA GLU A 68 15.71 14.67 -29.48
C GLU A 68 17.08 14.18 -29.93
N ILE A 69 17.70 13.36 -29.10
CA ILE A 69 19.02 12.79 -29.42
C ILE A 69 18.98 12.02 -30.74
N LEU A 70 17.97 11.16 -30.92
CA LEU A 70 17.87 10.38 -32.15
C LEU A 70 17.76 11.29 -33.38
N SER A 71 17.02 12.39 -33.25
CA SER A 71 16.89 13.39 -34.32
C SER A 71 18.24 14.08 -34.64
N LYS A 72 18.99 14.40 -33.60
CA LYS A 72 20.32 14.99 -33.79
C LYS A 72 21.25 13.99 -34.51
N ILE A 73 21.16 12.72 -34.11
CA ILE A 73 21.99 11.69 -34.73
C ILE A 73 21.63 11.53 -36.23
N TYR A 74 20.34 11.49 -36.53
CA TYR A 74 19.89 11.36 -37.91
C TYR A 74 20.43 12.52 -38.77
N HIS A 75 20.32 13.73 -38.24
CA HIS A 75 20.87 14.90 -38.92
C HIS A 75 22.38 14.78 -39.16
N ILE A 76 23.10 14.36 -38.13
CA ILE A 76 24.55 14.19 -38.24
C ILE A 76 24.91 13.14 -39.29
N GLU A 77 24.19 12.03 -39.32
CA GLU A 77 24.46 10.97 -40.31
C GLU A 77 24.27 11.52 -41.72
N ASN A 78 23.22 12.32 -41.93
CA ASN A 78 22.99 12.99 -43.21
C ASN A 78 24.10 13.97 -43.59
N GLU A 79 24.57 14.74 -42.61
CA GLU A 79 25.68 15.67 -42.83
C GLU A 79 26.95 14.95 -43.25
N ILE A 80 27.23 13.83 -42.58
CA ILE A 80 28.41 13.03 -42.92
C ILE A 80 28.31 12.46 -44.33
N ALA A 81 27.14 11.95 -44.70
CA ALA A 81 26.89 11.45 -46.05
C ALA A 81 27.11 12.55 -47.11
N ARG A 82 26.69 13.77 -46.80
CA ARG A 82 26.92 14.91 -47.69
C ARG A 82 28.41 15.26 -47.81
N ILE A 83 29.12 15.23 -46.68
CA ILE A 83 30.57 15.53 -46.66
C ILE A 83 31.35 14.55 -47.53
N LYS A 84 30.93 13.29 -47.53
CA LYS A 84 31.54 12.28 -48.41
C LYS A 84 31.27 12.51 -49.89
N SER B 4 -35.31 -9.45 50.60
CA SER B 4 -34.08 -8.68 50.22
C SER B 4 -33.13 -9.47 49.32
N GLY B 5 -33.18 -10.80 49.41
CA GLY B 5 -32.41 -11.67 48.52
C GLY B 5 -32.82 -11.48 47.07
N MET B 6 -34.13 -11.49 46.83
CA MET B 6 -34.70 -11.27 45.50
C MET B 6 -34.32 -9.88 44.96
N LYS B 7 -34.46 -8.87 45.81
CA LYS B 7 -34.11 -7.50 45.44
C LYS B 7 -32.66 -7.39 44.99
N GLN B 8 -31.75 -8.01 45.74
CA GLN B 8 -30.34 -8.00 45.39
C GLN B 8 -30.06 -8.66 44.04
N ILE B 9 -30.71 -9.79 43.77
CA ILE B 9 -30.58 -10.46 42.48
C ILE B 9 -31.09 -9.56 41.36
N GLU B 10 -32.25 -8.95 41.57
N GLU B 10 -32.26 -8.94 41.57
CA GLU B 10 -32.86 -8.03 40.61
CA GLU B 10 -32.83 -8.01 40.60
C GLU B 10 -31.90 -6.86 40.25
C GLU B 10 -31.88 -6.87 40.25
N MET B 11 -31.25 -6.31 41.26
CA MET B 11 -30.26 -5.24 41.05
C MET B 11 -29.05 -5.73 40.26
N LYS B 12 -28.59 -6.95 40.54
CA LYS B 12 -27.49 -7.51 39.77
C LYS B 12 -27.91 -7.71 38.30
N ILE B 13 -29.14 -8.18 38.09
CA ILE B 13 -29.66 -8.35 36.74
CA ILE B 13 -29.67 -8.35 36.73
C ILE B 13 -29.72 -7.01 36.00
N GLU B 14 -30.17 -5.96 36.70
CA GLU B 14 -30.21 -4.60 36.12
C GLU B 14 -28.81 -4.18 35.64
N GLU B 15 -27.81 -4.35 36.49
CA GLU B 15 -26.45 -3.99 36.13
C GLU B 15 -25.94 -4.83 34.97
N ILE B 16 -26.26 -6.13 34.98
CA ILE B 16 -25.82 -7.03 33.90
C ILE B 16 -26.42 -6.58 32.55
N LEU B 17 -27.70 -6.26 32.55
CA LEU B 17 -28.37 -5.84 31.31
C LEU B 17 -27.78 -4.54 30.77
N SER B 18 -27.43 -3.64 31.67
CA SER B 18 -26.79 -2.37 31.29
C SER B 18 -25.41 -2.65 30.70
N LYS B 19 -24.65 -3.52 31.35
CA LYS B 19 -23.32 -3.91 30.86
C LYS B 19 -23.42 -4.52 29.47
N ILE B 20 -24.41 -5.39 29.25
CA ILE B 20 -24.59 -6.04 27.95
C ILE B 20 -24.91 -5.00 26.87
N TYR B 21 -25.81 -4.07 27.18
CA TYR B 21 -26.16 -3.03 26.21
C TYR B 21 -24.92 -2.22 25.83
N HIS B 22 -24.11 -1.87 26.82
CA HIS B 22 -22.87 -1.12 26.57
C HIS B 22 -21.93 -1.93 25.67
N ILE B 23 -21.77 -3.21 25.97
CA ILE B 23 -20.93 -4.12 25.16
C ILE B 23 -21.45 -4.19 23.71
N GLU B 24 -22.76 -4.31 23.54
CA GLU B 24 -23.34 -4.37 22.21
C GLU B 24 -23.03 -3.09 21.42
N ASN B 25 -23.13 -1.93 22.08
CA ASN B 25 -22.79 -0.66 21.42
C ASN B 25 -21.31 -0.62 21.04
N GLU B 26 -20.46 -1.11 21.93
CA GLU B 26 -19.02 -1.19 21.65
C GLU B 26 -18.77 -2.07 20.42
N ILE B 27 -19.43 -3.20 20.36
CA ILE B 27 -19.26 -4.14 19.25
C ILE B 27 -19.74 -3.49 17.94
N ALA B 28 -20.87 -2.79 17.97
CA ALA B 28 -21.37 -2.08 16.80
C ALA B 28 -20.34 -1.09 16.29
N ARG B 29 -19.72 -0.35 17.21
CA ARG B 29 -18.69 0.61 16.83
C ARG B 29 -17.45 -0.06 16.25
N ILE B 30 -17.03 -1.16 16.88
CA ILE B 30 -15.87 -1.92 16.41
C ILE B 30 -16.08 -2.41 14.98
N LYS B 31 -17.27 -2.94 14.68
CA LYS B 31 -17.56 -3.42 13.33
C LYS B 31 -17.42 -2.32 12.28
N LYS B 32 -17.88 -1.11 12.62
CA LYS B 32 -17.73 0.04 11.73
C LYS B 32 -16.27 0.40 11.54
N LEU B 33 -15.50 0.41 12.63
CA LEU B 33 -14.08 0.70 12.55
C LEU B 33 -13.33 -0.32 11.70
N ILE B 34 -13.65 -1.60 11.85
CA ILE B 34 -13.00 -2.65 11.05
C ILE B 34 -13.27 -2.45 9.56
N ASN B 35 -14.49 -2.06 9.20
CA ASN B 35 -14.85 -1.81 7.81
C ASN B 35 -14.07 -0.65 7.17
N LEU B 36 -13.46 0.21 7.98
CA LEU B 36 -12.60 1.29 7.48
C LEU B 36 -11.12 0.88 7.30
N LYS B 37 -10.78 -0.35 7.66
CA LYS B 37 -9.40 -0.82 7.58
C LYS B 37 -9.14 -1.54 6.25
N ALA B 38 -7.91 -1.42 5.76
CA ALA B 38 -7.50 -2.01 4.50
C ALA B 38 -7.32 -3.52 4.62
N ASN B 39 -7.78 -4.24 3.61
CA ASN B 39 -7.64 -5.69 3.54
C ASN B 39 -6.23 -6.08 3.06
N LYS B 40 -5.69 -7.15 3.65
CA LYS B 40 -4.43 -7.73 3.20
C LYS B 40 -4.46 -8.04 1.70
N ALA B 41 -5.59 -8.56 1.23
CA ALA B 41 -5.74 -8.96 -0.18
C ALA B 41 -5.72 -7.78 -1.16
N ASP B 42 -6.04 -6.58 -0.67
CA ASP B 42 -6.12 -5.37 -1.50
C ASP B 42 -4.85 -4.52 -1.48
N VAL B 43 -3.86 -4.92 -0.71
CA VAL B 43 -2.59 -4.22 -0.62
C VAL B 43 -1.57 -4.90 -1.55
N ALA B 44 -0.87 -4.11 -2.36
CA ALA B 44 0.22 -4.60 -3.23
C ALA B 44 1.37 -5.16 -2.40
N THR B 45 1.99 -6.24 -2.88
CA THR B 45 3.09 -6.89 -2.18
C THR B 45 4.43 -6.19 -2.42
N LYS B 46 5.35 -6.37 -1.48
CA LYS B 46 6.74 -5.92 -1.63
C LYS B 46 7.35 -6.36 -2.95
N ASP B 47 7.04 -7.59 -3.38
CA ASP B 47 7.55 -8.16 -4.64
C ASP B 47 7.19 -7.25 -5.81
N GLN B 48 5.95 -6.76 -5.80
CA GLN B 48 5.47 -6.00 -6.95
C GLN B 48 5.78 -4.51 -6.92
N LEU B 49 6.07 -3.92 -5.75
CA LEU B 49 6.20 -2.46 -5.65
C LEU B 49 7.62 -1.91 -5.78
N ALA B 50 7.72 -0.68 -6.30
CA ALA B 50 8.95 0.10 -6.40
C ALA B 50 8.89 1.32 -5.46
N THR B 51 9.99 1.61 -4.79
CA THR B 51 10.07 2.79 -3.91
C THR B 51 10.52 4.03 -4.68
N LYS B 52 10.15 5.21 -4.18
CA LYS B 52 10.59 6.46 -4.79
C LYS B 52 12.12 6.58 -4.80
N THR B 53 12.77 6.15 -3.71
CA THR B 53 14.23 6.21 -3.62
C THR B 53 14.91 5.38 -4.71
N GLU B 54 14.45 4.15 -4.88
CA GLU B 54 14.97 3.24 -5.91
C GLU B 54 14.80 3.83 -7.32
N ILE B 55 13.60 4.37 -7.58
CA ILE B 55 13.29 4.96 -8.87
C ILE B 55 14.14 6.20 -9.11
N ASN B 56 14.22 7.07 -8.11
CA ASN B 56 15.04 8.27 -8.18
C ASN B 56 16.50 7.94 -8.53
N SER B 57 17.06 6.92 -7.90
CA SER B 57 18.43 6.48 -8.18
C SER B 57 18.59 6.00 -9.62
N GLN B 58 17.68 5.16 -10.07
CA GLN B 58 17.69 4.65 -11.45
C GLN B 58 17.53 5.77 -12.48
N MET B 59 16.61 6.69 -12.22
CA MET B 59 16.39 7.83 -13.10
C MET B 59 17.66 8.70 -13.18
N LYS B 60 18.33 8.88 -12.05
CA LYS B 60 19.60 9.65 -12.03
C LYS B 60 20.69 9.02 -12.86
N GLN B 61 20.81 7.70 -12.79
CA GLN B 61 21.77 6.96 -13.61
C GLN B 61 21.50 7.15 -15.11
N ILE B 62 20.23 7.11 -15.50
CA ILE B 62 19.85 7.37 -16.88
C ILE B 62 20.20 8.81 -17.26
N GLU B 63 19.88 9.76 -16.37
CA GLU B 63 20.22 11.18 -16.61
C GLU B 63 21.73 11.37 -16.84
N TRP B 64 22.55 10.69 -16.06
CA TRP B 64 24.01 10.79 -16.25
C TRP B 64 24.45 10.26 -17.63
N LYS B 65 23.85 9.17 -18.07
CA LYS B 65 24.14 8.64 -19.41
C LYS B 65 23.72 9.63 -20.49
N ILE B 66 22.55 10.24 -20.33
CA ILE B 66 22.05 11.21 -21.29
C ILE B 66 23.01 12.41 -21.32
N GLU B 67 23.49 12.85 -20.16
CA GLU B 67 24.43 13.97 -20.13
C GLU B 67 25.73 13.65 -20.88
N GLU B 68 26.25 12.44 -20.67
CA GLU B 68 27.41 11.98 -21.45
C GLU B 68 27.15 11.98 -22.95
N ILE B 69 26.00 11.43 -23.34
CA ILE B 69 25.62 11.39 -24.74
C ILE B 69 25.57 12.80 -25.34
N LEU B 70 24.95 13.74 -24.62
CA LEU B 70 24.79 15.09 -25.14
C LEU B 70 26.15 15.73 -25.38
N SER B 71 27.10 15.48 -24.48
CA SER B 71 28.45 16.01 -24.63
CA SER B 71 28.45 16.01 -24.64
C SER B 71 29.14 15.42 -25.87
N LYS B 72 28.95 14.13 -26.11
CA LYS B 72 29.50 13.49 -27.31
C LYS B 72 28.88 14.05 -28.59
N ILE B 73 27.58 14.28 -28.57
CA ILE B 73 26.88 14.84 -29.73
C ILE B 73 27.37 16.27 -30.02
N TYR B 74 27.48 17.08 -28.98
CA TYR B 74 27.94 18.46 -29.13
C TYR B 74 29.33 18.47 -29.75
N HIS B 75 30.21 17.62 -29.23
CA HIS B 75 31.56 17.51 -29.77
C HIS B 75 31.55 17.13 -31.26
N ILE B 76 30.73 16.13 -31.62
CA ILE B 76 30.62 15.69 -33.00
C ILE B 76 30.11 16.81 -33.92
N GLU B 77 29.09 17.55 -33.46
CA GLU B 77 28.56 18.66 -34.25
C GLU B 77 29.65 19.70 -34.51
N ASN B 78 30.45 19.99 -33.48
CA ASN B 78 31.60 20.89 -33.64
CA ASN B 78 31.59 20.90 -33.63
C ASN B 78 32.65 20.38 -34.61
N GLU B 79 32.95 19.09 -34.53
CA GLU B 79 33.91 18.45 -35.44
C GLU B 79 33.43 18.56 -36.88
N ILE B 80 32.14 18.32 -37.10
CA ILE B 80 31.56 18.43 -38.44
C ILE B 80 31.63 19.86 -38.98
N ALA B 81 31.29 20.84 -38.13
CA ALA B 81 31.40 22.25 -38.49
C ALA B 81 32.83 22.64 -38.87
N ARG B 82 33.82 22.10 -38.15
CA ARG B 82 35.23 22.32 -38.49
C ARG B 82 35.62 21.69 -39.82
N ILE B 83 35.14 20.47 -40.07
CA ILE B 83 35.43 19.76 -41.33
C ILE B 83 34.90 20.56 -42.54
N LYS B 84 33.75 21.19 -42.37
CA LYS B 84 33.21 22.10 -43.39
C LYS B 84 33.99 23.42 -43.40
N GLY C 5 -32.93 -22.96 45.45
CA GLY C 5 -33.33 -22.17 44.25
C GLY C 5 -32.57 -20.87 44.14
N MET C 6 -32.53 -20.11 45.24
CA MET C 6 -31.79 -18.85 45.30
C MET C 6 -30.29 -19.06 45.08
N LYS C 7 -29.74 -20.08 45.72
CA LYS C 7 -28.33 -20.43 45.54
C LYS C 7 -28.00 -20.74 44.08
N GLN C 8 -28.86 -21.50 43.41
CA GLN C 8 -28.67 -21.80 41.98
C GLN C 8 -28.65 -20.54 41.12
N ILE C 9 -29.59 -19.63 41.39
CA ILE C 9 -29.64 -18.36 40.65
C ILE C 9 -28.35 -17.56 40.88
N GLU C 10 -27.92 -17.49 42.15
CA GLU C 10 -26.68 -16.80 42.52
C GLU C 10 -25.46 -17.33 41.75
N MET C 11 -25.38 -18.66 41.62
CA MET C 11 -24.31 -19.30 40.86
C MET C 11 -24.40 -18.95 39.37
N LYS C 12 -25.60 -18.90 38.80
CA LYS C 12 -25.75 -18.48 37.40
C LYS C 12 -25.32 -17.03 37.20
N ILE C 13 -25.68 -16.18 38.17
CA ILE C 13 -25.26 -14.77 38.12
C ILE C 13 -23.73 -14.68 38.20
N GLU C 14 -23.13 -15.50 39.06
CA GLU C 14 -21.67 -15.53 39.18
C GLU C 14 -21.02 -15.89 37.82
N GLU C 15 -21.52 -16.94 37.18
CA GLU C 15 -20.99 -17.34 35.87
C GLU C 15 -21.19 -16.24 34.81
N ILE C 16 -22.35 -15.58 34.84
CA ILE C 16 -22.64 -14.49 33.89
C ILE C 16 -21.64 -13.34 34.09
N LEU C 17 -21.40 -12.96 35.33
CA LEU C 17 -20.47 -11.85 35.63
C LEU C 17 -19.06 -12.19 35.18
N SER C 18 -18.67 -13.46 35.32
CA SER C 18 -17.37 -13.94 34.86
C SER C 18 -17.26 -13.90 33.35
N LYS C 19 -18.31 -14.33 32.66
CA LYS C 19 -18.37 -14.28 31.20
C LYS C 19 -18.26 -12.84 30.71
N ILE C 20 -18.96 -11.92 31.38
CA ILE C 20 -18.92 -10.51 30.98
C ILE C 20 -17.51 -9.94 31.15
N TYR C 21 -16.86 -10.24 32.26
CA TYR C 21 -15.51 -9.75 32.50
C TYR C 21 -14.56 -10.24 31.41
N HIS C 22 -14.69 -11.51 31.05
CA HIS C 22 -13.87 -12.07 29.98
C HIS C 22 -14.12 -11.35 28.65
N ILE C 23 -15.39 -11.13 28.32
CA ILE C 23 -15.78 -10.41 27.11
C ILE C 23 -15.18 -9.00 27.08
N GLU C 24 -15.24 -8.31 28.22
CA GLU C 24 -14.69 -6.96 28.30
C GLU C 24 -13.20 -6.99 28.00
N ASN C 25 -12.48 -7.98 28.52
CA ASN C 25 -11.05 -8.12 28.22
C ASN C 25 -10.76 -8.44 26.76
N GLU C 26 -11.61 -9.28 26.16
CA GLU C 26 -11.53 -9.57 24.72
C GLU C 26 -11.73 -8.31 23.89
N ILE C 27 -12.71 -7.50 24.27
CA ILE C 27 -12.99 -6.25 23.56
C ILE C 27 -11.80 -5.30 23.68
N ALA C 28 -11.24 -5.17 24.89
CA ALA C 28 -10.05 -4.33 25.08
C ALA C 28 -8.93 -4.76 24.15
N ARG C 29 -8.71 -6.07 24.03
CA ARG C 29 -7.67 -6.58 23.14
C ARG C 29 -7.97 -6.29 21.67
N ILE C 30 -9.23 -6.49 21.27
CA ILE C 30 -9.66 -6.21 19.90
C ILE C 30 -9.42 -4.75 19.52
N LYS C 31 -9.75 -3.82 20.41
CA LYS C 31 -9.54 -2.40 20.15
C LYS C 31 -8.07 -2.09 19.88
N LYS C 32 -7.18 -2.72 20.64
CA LYS C 32 -5.75 -2.52 20.44
C LYS C 32 -5.33 -3.08 19.09
N LEU C 33 -5.83 -4.26 18.75
CA LEU C 33 -5.51 -4.87 17.45
C LEU C 33 -5.99 -4.02 16.29
N ILE C 34 -7.19 -3.47 16.38
CA ILE C 34 -7.73 -2.61 15.35
C ILE C 34 -6.85 -1.37 15.14
N ASN C 35 -6.36 -0.78 16.22
CA ASN C 35 -5.47 0.40 16.15
C ASN C 35 -4.14 0.12 15.43
N LEU C 36 -3.76 -1.15 15.32
CA LEU C 36 -2.56 -1.55 14.56
C LEU C 36 -2.82 -1.78 13.07
N LYS C 37 -4.08 -1.70 12.64
CA LYS C 37 -4.43 -1.96 11.24
C LYS C 37 -4.47 -0.67 10.43
N ALA C 38 -4.09 -0.78 9.16
CA ALA C 38 -4.03 0.36 8.26
C ALA C 38 -5.43 0.75 7.77
N ASN C 39 -5.69 2.06 7.71
CA ASN C 39 -6.94 2.58 7.17
C ASN C 39 -6.93 2.55 5.65
N LYS C 40 -8.08 2.24 5.06
CA LYS C 40 -8.25 2.31 3.61
C LYS C 40 -7.84 3.68 3.06
N ALA C 41 -8.22 4.74 3.79
CA ALA C 41 -7.94 6.11 3.35
C ALA C 41 -6.45 6.46 3.35
N ASP C 42 -5.65 5.75 4.14
CA ASP C 42 -4.22 6.03 4.26
C ASP C 42 -3.31 5.16 3.39
N VAL C 43 -3.87 4.15 2.71
CA VAL C 43 -3.07 3.17 1.97
C VAL C 43 -3.19 3.40 0.47
N ALA C 44 -2.07 3.52 -0.24
CA ALA C 44 -2.16 3.67 -1.68
C ALA C 44 -2.72 2.38 -2.31
N THR C 45 -3.65 2.56 -3.23
CA THR C 45 -4.31 1.44 -3.90
C THR C 45 -3.46 0.90 -5.04
N LYS C 46 -3.72 -0.37 -5.40
CA LYS C 46 -3.13 -0.98 -6.60
C LYS C 46 -3.30 -0.11 -7.86
N ASP C 47 -4.47 0.53 -7.98
CA ASP C 47 -4.76 1.42 -9.10
C ASP C 47 -3.72 2.55 -9.21
N GLN C 48 -3.35 3.09 -8.05
CA GLN C 48 -2.49 4.26 -7.93
C GLN C 48 -1.00 3.96 -8.08
N LEU C 49 -0.58 2.76 -7.69
CA LEU C 49 0.84 2.46 -7.55
C LEU C 49 1.47 1.87 -8.80
N ALA C 50 2.72 2.22 -9.05
CA ALA C 50 3.45 1.72 -10.20
C ALA C 50 4.03 0.38 -9.79
N THR C 51 3.88 -0.63 -10.65
CA THR C 51 4.42 -1.95 -10.38
C THR C 51 5.85 -2.06 -10.91
N LYS C 52 6.64 -2.95 -10.31
CA LYS C 52 8.00 -3.20 -10.78
C LYS C 52 8.00 -3.65 -12.24
N THR C 53 7.06 -4.51 -12.62
CA THR C 53 6.97 -5.01 -13.98
C THR C 53 6.79 -3.88 -15.00
N GLU C 54 5.84 -2.98 -14.73
CA GLU C 54 5.55 -1.83 -15.59
C GLU C 54 6.78 -0.94 -15.74
N ILE C 55 7.42 -0.65 -14.62
CA ILE C 55 8.59 0.22 -14.58
C ILE C 55 9.75 -0.45 -15.33
N ASN C 56 9.98 -1.72 -15.05
CA ASN C 56 11.02 -2.50 -15.74
C ASN C 56 10.87 -2.45 -17.26
N SER C 57 9.64 -2.63 -17.74
CA SER C 57 9.37 -2.59 -19.18
CA SER C 57 9.39 -2.61 -19.18
C SER C 57 9.69 -1.25 -19.81
N GLN C 58 9.23 -0.18 -19.18
CA GLN C 58 9.52 1.15 -19.71
C GLN C 58 11.02 1.50 -19.59
N MET C 59 11.67 1.11 -18.49
CA MET C 59 13.12 1.33 -18.34
C MET C 59 13.90 0.57 -19.41
N LYS C 60 13.45 -0.65 -19.72
CA LYS C 60 14.10 -1.48 -20.74
C LYS C 60 14.07 -0.83 -22.11
N GLN C 61 12.92 -0.26 -22.49
CA GLN C 61 12.80 0.46 -23.74
C GLN C 61 13.77 1.62 -23.82
N ILE C 62 13.88 2.37 -22.72
CA ILE C 62 14.83 3.48 -22.64
C ILE C 62 16.27 2.97 -22.76
N GLU C 63 16.59 1.91 -22.02
CA GLU C 63 17.92 1.32 -22.06
C GLU C 63 18.32 0.88 -23.46
N TRP C 64 17.39 0.27 -24.18
CA TRP C 64 17.69 -0.16 -25.56
C TRP C 64 18.01 1.04 -26.44
N LYS C 65 17.25 2.12 -26.27
CA LYS C 65 17.50 3.33 -27.05
C LYS C 65 18.86 3.93 -26.71
N ILE C 66 19.22 3.94 -25.44
CA ILE C 66 20.52 4.46 -25.00
C ILE C 66 21.62 3.61 -25.61
N GLU C 67 21.45 2.29 -25.58
CA GLU C 67 22.46 1.41 -26.20
C GLU C 67 22.62 1.67 -27.69
N GLU C 68 21.49 1.87 -28.39
CA GLU C 68 21.48 2.19 -29.81
C GLU C 68 22.26 3.48 -30.04
N ILE C 69 21.93 4.49 -29.24
CA ILE C 69 22.57 5.80 -29.34
C ILE C 69 24.08 5.68 -29.13
N LEU C 70 24.50 4.96 -28.10
CA LEU C 70 25.94 4.82 -27.83
C LEU C 70 26.68 4.16 -28.99
N SER C 71 26.06 3.16 -29.59
CA SER C 71 26.64 2.48 -30.75
CA SER C 71 26.66 2.50 -30.72
C SER C 71 26.73 3.43 -31.93
N LYS C 72 25.69 4.25 -32.15
CA LYS C 72 25.69 5.21 -33.23
C LYS C 72 26.81 6.22 -33.02
N ILE C 73 26.97 6.70 -31.80
CA ILE C 73 28.00 7.69 -31.50
C ILE C 73 29.39 7.10 -31.77
N TYR C 74 29.63 5.89 -31.30
CA TYR C 74 30.93 5.23 -31.54
C TYR C 74 31.22 5.08 -33.03
N HIS C 75 30.24 4.62 -33.79
CA HIS C 75 30.35 4.51 -35.25
C HIS C 75 30.65 5.85 -35.91
N ILE C 76 29.94 6.89 -35.51
CA ILE C 76 30.13 8.22 -36.06
C ILE C 76 31.53 8.75 -35.75
N GLU C 77 32.00 8.55 -34.53
CA GLU C 77 33.33 9.00 -34.14
C GLU C 77 34.36 8.33 -35.02
N ASN C 78 34.18 7.03 -35.27
CA ASN C 78 35.08 6.29 -36.18
C ASN C 78 35.05 6.80 -37.62
N GLU C 79 33.86 7.12 -38.11
CA GLU C 79 33.69 7.71 -39.45
C GLU C 79 34.41 9.04 -39.57
N ILE C 80 34.27 9.89 -38.56
CA ILE C 80 34.95 11.18 -38.53
C ILE C 80 36.47 11.01 -38.52
N ALA C 81 36.97 10.09 -37.70
CA ALA C 81 38.41 9.80 -37.66
C ALA C 81 38.93 9.35 -39.02
N ARG C 82 38.14 8.54 -39.72
CA ARG C 82 38.51 8.10 -41.08
C ARG C 82 38.54 9.28 -42.06
N ILE C 83 37.54 10.16 -41.97
CA ILE C 83 37.45 11.34 -42.86
C ILE C 83 38.64 12.28 -42.67
N LYS C 84 39.09 12.46 -41.43
CA LYS C 84 40.13 13.43 -41.10
C LYS C 84 41.58 12.91 -41.18
N LYS C 85 41.76 11.62 -41.49
CA LYS C 85 43.08 10.98 -41.48
C LYS C 85 43.93 11.35 -42.70
N LEU C 86 45.20 11.63 -42.46
CA LEU C 86 46.18 11.87 -43.52
C LEU C 86 47.09 10.65 -43.69
#